data_4NU8
#
_entry.id   4NU8
#
_cell.length_a   112.322
_cell.length_b   112.322
_cell.length_c   45.800
_cell.angle_alpha   90.00
_cell.angle_beta   90.00
_cell.angle_gamma   90.00
#
_symmetry.space_group_name_H-M   'I 41'
#
loop_
_entity.id
_entity.type
_entity.pdbx_description
1 polymer 'Cysteine synthase'
2 polymer 'Peptide from Serine acetyltransferase'
3 non-polymer GLYCEROL
4 water water
#
loop_
_entity_poly.entity_id
_entity_poly.type
_entity_poly.pdbx_seq_one_letter_code
_entity_poly.pdbx_strand_id
1 'polypeptide(L)'
;HHHHHHMAIYADNSYSIGNTPLVRLKHFGHNGNVVVKIEGRNPSYSV(LLP)CRIGANMVWQAEKDGTLTKGKEIVDATS
GNTGIALAYVAAARGYKITLTMPETMSLERKRLLCGLGVNLVLTEGAKGMKGAIAKAEEIVASDPSRYVMLKQFENPANP
QIHRETTGPEIWKDTDGKVDVVVAGVGTGGSITGISRAIKLDFGKQITSVAVEPVESPVISQTLAGEEVKPGPHKIQGIG
AGFIPKNLDLSIIDRVETVDSDTALATARRLMAEEGILAGISSGAAVAAADRLAKLPEFADKLIVVILPSASERYLSTAL
FEGIEG
;
X
2 'polypeptide(L)' TFEYGDGI A
#
loop_
_chem_comp.id
_chem_comp.type
_chem_comp.name
_chem_comp.formula
GOL non-polymer GLYCEROL 'C3 H8 O3'
#
# COMPACT_ATOMS: atom_id res chain seq x y z
N MET A 7 18.16 7.42 24.10
CA MET A 7 16.85 8.03 23.86
C MET A 7 16.11 7.42 22.66
N ALA A 8 16.54 7.75 21.44
CA ALA A 8 15.84 7.30 20.23
C ALA A 8 16.46 6.02 19.62
N ILE A 9 16.36 4.91 20.35
CA ILE A 9 16.84 3.63 19.90
C ILE A 9 15.65 2.68 19.90
N TYR A 10 15.32 2.12 18.73
CA TYR A 10 14.17 1.22 18.62
C TYR A 10 14.48 -0.18 19.15
N ALA A 11 13.55 -0.73 19.95
CA ALA A 11 13.78 -2.02 20.60
C ALA A 11 13.86 -3.15 19.57
N ASP A 12 13.23 -2.95 18.41
CA ASP A 12 13.35 -3.87 17.26
C ASP A 12 12.97 -3.10 15.99
N ASN A 13 13.17 -3.69 14.81
CA ASN A 13 12.98 -2.97 13.56
C ASN A 13 11.54 -2.55 13.29
N SER A 14 10.57 -3.25 13.89
CA SER A 14 9.16 -2.89 13.67
C SER A 14 8.84 -1.48 14.19
N TYR A 15 9.58 -1.01 15.19
CA TYR A 15 9.30 0.31 15.76
C TYR A 15 9.87 1.48 14.95
N SER A 16 10.70 1.17 13.96
CA SER A 16 11.37 2.21 13.18
C SER A 16 10.54 2.67 11.97
N ILE A 17 9.28 2.29 11.93
CA ILE A 17 8.41 2.67 10.84
C ILE A 17 8.19 4.18 10.70
N GLY A 18 7.98 4.61 9.49
CA GLY A 18 7.51 5.93 9.24
C GLY A 18 8.50 7.03 9.32
N ASN A 19 8.03 8.19 9.69
CA ASN A 19 8.72 9.43 9.52
C ASN A 19 9.37 9.59 8.14
N THR A 20 8.62 9.28 7.09
CA THR A 20 9.12 9.38 5.73
C THR A 20 9.04 10.83 5.25
N PRO A 21 9.96 11.23 4.35
CA PRO A 21 10.08 12.64 3.99
C PRO A 21 9.14 13.08 2.87
N LEU A 22 8.92 14.39 2.80
CA LEU A 22 8.20 15.02 1.68
C LEU A 22 9.18 15.76 0.78
N VAL A 23 9.08 15.50 -0.52
CA VAL A 23 9.96 16.11 -1.51
C VAL A 23 9.09 16.81 -2.54
N ARG A 24 9.41 18.07 -2.86
CA ARG A 24 8.67 18.82 -3.86
C ARG A 24 9.11 18.41 -5.26
N LEU A 25 8.16 18.18 -6.18
CA LEU A 25 8.53 17.82 -7.55
C LEU A 25 8.81 19.05 -8.40
N LYS A 26 9.77 18.92 -9.32
CA LYS A 26 10.17 20.05 -10.16
C LYS A 26 9.61 19.96 -11.58
N HIS A 27 9.33 18.74 -12.03
CA HIS A 27 8.91 18.56 -13.41
C HIS A 27 7.48 18.06 -13.54
N PHE A 28 6.75 18.12 -12.44
CA PHE A 28 5.33 17.81 -12.41
C PHE A 28 4.64 18.95 -11.67
N GLY A 29 3.32 19.03 -11.82
CA GLY A 29 2.54 20.04 -11.13
C GLY A 29 2.77 21.43 -11.71
N HIS A 30 2.34 22.43 -10.95
CA HIS A 30 2.44 23.80 -11.39
C HIS A 30 3.01 24.63 -10.27
N ASN A 31 4.20 25.18 -10.51
CA ASN A 31 4.91 25.97 -9.51
C ASN A 31 4.98 25.28 -8.16
N GLY A 32 5.47 24.04 -8.16
CA GLY A 32 5.74 23.30 -6.94
C GLY A 32 4.54 22.89 -6.11
N ASN A 33 3.34 22.86 -6.69
CA ASN A 33 2.18 22.41 -5.93
C ASN A 33 2.11 20.89 -5.69
N VAL A 34 3.00 20.12 -6.32
CA VAL A 34 2.98 18.68 -6.10
C VAL A 34 4.17 18.23 -5.25
N VAL A 35 3.87 17.61 -4.11
CA VAL A 35 4.91 17.11 -3.23
C VAL A 35 4.64 15.63 -2.97
N VAL A 36 5.72 14.85 -2.88
CA VAL A 36 5.57 13.40 -2.73
C VAL A 36 6.05 12.92 -1.36
N LYS A 37 5.37 11.91 -0.84
CA LYS A 37 5.75 11.28 0.43
C LYS A 37 6.36 9.93 0.12
N ILE A 38 7.65 9.80 0.42
CA ILE A 38 8.45 8.66 -0.02
C ILE A 38 8.43 7.47 0.96
N GLU A 39 7.42 6.62 0.81
CA GLU A 39 7.19 5.49 1.71
C GLU A 39 8.13 4.34 1.39
N GLY A 40 8.93 4.51 0.35
CA GLY A 40 10.04 3.62 0.10
C GLY A 40 11.12 3.74 1.18
N ARG A 41 11.13 4.86 1.89
N ARG A 41 11.16 4.86 1.90
CA ARG A 41 12.08 5.06 3.00
CA ARG A 41 12.12 5.03 2.99
C ARG A 41 11.56 4.40 4.27
C ARG A 41 11.56 4.40 4.26
N ASN A 42 11.46 3.08 4.25
CA ASN A 42 10.84 2.35 5.34
C ASN A 42 11.58 1.04 5.44
N PRO A 43 11.53 0.41 6.62
CA PRO A 43 11.99 -0.97 6.69
C PRO A 43 11.19 -1.76 5.66
N SER A 44 11.85 -2.70 5.00
CA SER A 44 11.22 -3.52 3.95
C SER A 44 10.78 -2.67 2.76
N TYR A 45 11.16 -1.40 2.76
CA TYR A 45 11.08 -0.55 1.57
C TYR A 45 9.68 -0.25 1.02
N SER A 46 8.65 -0.35 1.85
CA SER A 46 7.32 0.03 1.37
C SER A 46 6.44 0.57 2.49
N VAL A 47 5.41 1.30 2.09
CA VAL A 47 4.37 1.74 3.01
C VAL A 47 3.78 0.60 3.88
N1 LLP A 48 1.29 0.45 -4.04
C2 LLP A 48 2.03 -0.59 -3.48
C2' LLP A 48 3.35 -0.93 -4.11
C3 LLP A 48 1.56 -1.27 -2.36
O3 LLP A 48 2.23 -2.20 -1.86
C4 LLP A 48 0.31 -0.92 -1.82
C4' LLP A 48 -0.29 -1.59 -0.61
C5 LLP A 48 -0.41 0.14 -2.38
C6 LLP A 48 0.10 0.82 -3.49
C5' LLP A 48 -1.75 0.56 -1.83
OP4 LLP A 48 -1.86 0.95 -0.43
P LLP A 48 -3.19 0.65 0.45
OP1 LLP A 48 -3.18 -0.83 0.58
OP2 LLP A 48 -4.31 1.17 -0.38
OP3 LLP A 48 -3.00 1.40 1.71
N LLP A 48 3.79 -0.64 3.38
CA LLP A 48 3.19 -1.79 4.10
CB LLP A 48 3.08 -3.04 3.23
CG LLP A 48 2.23 -2.89 1.95
CD LLP A 48 0.78 -2.59 2.23
CE LLP A 48 -0.12 -3.16 1.12
NZ LLP A 48 0.29 -2.75 -0.27
C LLP A 48 3.91 -2.14 5.40
O LLP A 48 3.36 -2.86 6.25
N CYS A 49 5.13 -1.65 5.58
CA CYS A 49 5.84 -1.85 6.82
C CYS A 49 5.00 -1.31 7.98
N ARG A 50 4.23 -0.27 7.72
CA ARG A 50 3.39 0.36 8.74
C ARG A 50 2.28 -0.59 9.21
N ILE A 51 1.62 -1.27 8.28
CA ILE A 51 0.54 -2.18 8.67
C ILE A 51 1.05 -3.54 9.09
N GLY A 52 2.18 -3.95 8.54
CA GLY A 52 2.84 -5.15 8.97
C GLY A 52 3.09 -5.05 10.47
N ALA A 53 3.67 -3.92 10.88
CA ALA A 53 3.95 -3.69 12.29
C ALA A 53 2.67 -3.62 13.12
N ASN A 54 1.76 -2.75 12.74
CA ASN A 54 0.58 -2.50 13.58
C ASN A 54 -0.40 -3.67 13.65
N MET A 55 -0.53 -4.42 12.56
CA MET A 55 -1.38 -5.61 12.61
C MET A 55 -0.84 -6.63 13.62
N VAL A 56 0.48 -6.80 13.65
CA VAL A 56 1.10 -7.67 14.64
C VAL A 56 0.93 -7.09 16.05
N TRP A 57 1.25 -5.81 16.23
CA TRP A 57 1.12 -5.17 17.53
C TRP A 57 -0.29 -5.30 18.09
N GLN A 58 -1.29 -5.03 17.26
CA GLN A 58 -2.70 -5.10 17.69
C GLN A 58 -3.10 -6.53 18.07
N ALA A 59 -2.66 -7.49 17.28
CA ALA A 59 -2.98 -8.89 17.53
C ALA A 59 -2.36 -9.36 18.86
N GLU A 60 -1.18 -8.83 19.19
CA GLU A 60 -0.55 -9.07 20.49
C GLU A 60 -1.39 -8.46 21.63
N LYS A 61 -1.81 -7.23 21.45
CA LYS A 61 -2.58 -6.54 22.45
C LYS A 61 -3.91 -7.17 22.66
N ASP A 62 -4.45 -7.79 21.63
CA ASP A 62 -5.75 -8.42 21.65
C ASP A 62 -5.72 -9.76 22.26
N GLY A 63 -4.55 -10.28 22.38
CA GLY A 63 -4.33 -11.67 22.76
C GLY A 63 -4.52 -12.69 21.66
N THR A 64 -4.83 -12.26 20.45
CA THR A 64 -5.00 -13.23 19.37
C THR A 64 -3.66 -13.72 18.83
N LEU A 65 -2.61 -12.94 19.03
CA LEU A 65 -1.27 -13.39 18.67
C LEU A 65 -0.43 -13.53 19.94
N THR A 66 0.14 -14.71 20.13
CA THR A 66 0.97 -14.97 21.31
C THR A 66 2.17 -15.82 20.92
N LYS A 67 3.15 -15.89 21.82
CA LYS A 67 4.29 -16.75 21.58
C LYS A 67 3.77 -18.16 21.31
N GLY A 68 4.36 -18.82 20.32
CA GLY A 68 3.92 -20.15 19.94
C GLY A 68 3.03 -20.12 18.71
N LYS A 69 2.06 -19.20 18.70
CA LYS A 69 1.14 -19.08 17.56
C LYS A 69 1.87 -18.63 16.30
N GLU A 70 1.40 -19.10 15.15
CA GLU A 70 2.06 -18.86 13.88
C GLU A 70 1.23 -17.94 13.00
N ILE A 71 1.89 -17.00 12.33
CA ILE A 71 1.19 -16.14 11.37
C ILE A 71 1.00 -16.87 10.05
N VAL A 72 -0.24 -16.92 9.57
CA VAL A 72 -0.53 -17.47 8.25
C VAL A 72 -1.36 -16.47 7.46
N ASP A 73 -0.91 -16.14 6.25
CA ASP A 73 -1.67 -15.23 5.41
C ASP A 73 -1.33 -15.35 3.91
N ALA A 74 -2.24 -14.86 3.07
CA ALA A 74 -2.02 -14.89 1.64
C ALA A 74 -1.75 -13.47 1.13
N THR A 75 -0.63 -13.31 0.44
CA THR A 75 -0.25 -12.03 -0.15
C THR A 75 0.90 -12.24 -1.11
N SER A 76 0.74 -11.68 -2.31
CA SER A 76 1.79 -11.76 -3.33
C SER A 76 2.43 -10.38 -3.55
N GLY A 77 2.23 -9.47 -2.60
CA GLY A 77 2.80 -8.14 -2.68
C GLY A 77 3.67 -7.75 -1.50
N ASN A 78 3.82 -6.44 -1.29
CA ASN A 78 4.66 -5.88 -0.25
C ASN A 78 4.27 -6.23 1.18
N THR A 79 3.00 -6.57 1.39
CA THR A 79 2.53 -6.91 2.72
C THR A 79 3.20 -8.16 3.28
N GLY A 80 3.47 -9.13 2.41
CA GLY A 80 4.22 -10.31 2.80
C GLY A 80 5.62 -9.98 3.29
N ILE A 81 6.29 -9.07 2.57
CA ILE A 81 7.63 -8.65 2.96
C ILE A 81 7.59 -7.91 4.30
N ALA A 82 6.56 -7.08 4.48
CA ALA A 82 6.35 -6.35 5.73
C ALA A 82 6.08 -7.29 6.92
N LEU A 83 5.17 -8.25 6.73
CA LEU A 83 4.88 -9.19 7.79
C LEU A 83 6.11 -10.05 8.08
N ALA A 84 6.79 -10.48 7.02
CA ALA A 84 8.04 -11.23 7.17
C ALA A 84 9.07 -10.52 8.06
N TYR A 85 9.33 -9.25 7.81
CA TYR A 85 10.38 -8.59 8.58
C TYR A 85 9.88 -8.39 10.03
N VAL A 86 8.58 -8.13 10.20
CA VAL A 86 8.04 -7.98 11.54
C VAL A 86 8.05 -9.30 12.32
N ALA A 87 7.68 -10.39 11.65
CA ALA A 87 7.73 -11.71 12.26
C ALA A 87 9.15 -12.06 12.68
N ALA A 88 10.11 -11.71 11.82
CA ALA A 88 11.52 -11.97 12.12
C ALA A 88 11.98 -11.11 13.29
N ALA A 89 11.69 -9.81 13.23
CA ALA A 89 12.04 -8.90 14.32
C ALA A 89 11.47 -9.30 15.68
N ARG A 90 10.22 -9.77 15.71
CA ARG A 90 9.56 -10.05 16.98
C ARG A 90 9.49 -11.53 17.37
N GLY A 91 10.04 -12.40 16.54
CA GLY A 91 10.15 -13.80 16.90
C GLY A 91 8.90 -14.62 16.68
N TYR A 92 8.19 -14.37 15.59
CA TYR A 92 7.08 -15.21 15.19
C TYR A 92 7.45 -16.05 13.98
N LYS A 93 6.89 -17.25 13.94
CA LYS A 93 6.97 -18.08 12.74
C LYS A 93 5.90 -17.56 11.79
N ILE A 94 6.17 -17.63 10.49
CA ILE A 94 5.22 -17.12 9.52
C ILE A 94 5.18 -17.97 8.25
N THR A 95 3.96 -18.24 7.80
CA THR A 95 3.71 -18.92 6.54
C THR A 95 2.96 -17.95 5.63
N LEU A 96 3.44 -17.81 4.40
CA LEU A 96 2.73 -16.98 3.44
C LEU A 96 2.39 -17.81 2.22
N THR A 97 1.14 -17.73 1.80
CA THR A 97 0.71 -18.44 0.61
C THR A 97 0.63 -17.45 -0.54
N MET A 98 1.00 -17.90 -1.73
CA MET A 98 0.95 -17.06 -2.91
C MET A 98 1.10 -17.96 -4.13
N PRO A 99 0.53 -17.53 -5.26
CA PRO A 99 0.60 -18.32 -6.48
C PRO A 99 2.04 -18.71 -6.81
N GLU A 100 2.22 -19.80 -7.56
CA GLU A 100 3.53 -20.25 -7.96
C GLU A 100 4.07 -19.39 -9.11
N THR A 101 3.60 -18.15 -9.18
CA THR A 101 3.99 -17.23 -10.25
C THR A 101 4.72 -16.00 -9.69
N MET A 102 5.49 -16.22 -8.63
CA MET A 102 6.23 -15.13 -8.00
C MET A 102 7.58 -14.87 -8.66
N SER A 103 8.10 -13.65 -8.45
CA SER A 103 9.34 -13.22 -9.07
C SER A 103 10.57 -13.69 -8.29
N LEU A 104 10.83 -15.01 -8.34
CA LEU A 104 11.98 -15.66 -7.68
C LEU A 104 12.69 -14.84 -6.60
N GLU A 105 13.26 -13.70 -6.99
CA GLU A 105 13.86 -12.79 -6.02
C GLU A 105 12.96 -12.62 -4.80
N ARG A 106 11.66 -12.48 -5.02
CA ARG A 106 10.72 -12.36 -3.91
C ARG A 106 10.59 -13.64 -3.12
N LYS A 107 10.73 -14.78 -3.80
CA LYS A 107 10.72 -16.08 -3.12
C LYS A 107 11.97 -16.23 -2.25
N ARG A 108 13.07 -15.68 -2.74
CA ARG A 108 14.34 -15.70 -2.02
C ARG A 108 14.35 -14.66 -0.91
N LEU A 109 13.86 -13.47 -1.21
CA LEU A 109 13.80 -12.43 -0.20
C LEU A 109 12.97 -12.95 0.98
N LEU A 110 11.83 -13.54 0.66
CA LEU A 110 10.94 -14.08 1.68
C LEU A 110 11.59 -15.28 2.37
N CYS A 111 12.18 -16.18 1.59
CA CYS A 111 12.88 -17.32 2.18
C CYS A 111 14.01 -16.84 3.08
N GLY A 112 14.74 -15.84 2.62
CA GLY A 112 15.80 -15.23 3.41
C GLY A 112 15.28 -14.65 4.71
N LEU A 113 14.04 -14.15 4.67
CA LEU A 113 13.43 -13.56 5.87
C LEU A 113 12.88 -14.61 6.85
N GLY A 114 12.94 -15.88 6.46
CA GLY A 114 12.52 -16.97 7.33
C GLY A 114 11.10 -17.45 7.07
N VAL A 115 10.46 -16.88 6.07
CA VAL A 115 9.08 -17.24 5.72
C VAL A 115 8.95 -18.67 5.23
N ASN A 116 7.96 -19.37 5.76
CA ASN A 116 7.59 -20.68 5.23
C ASN A 116 6.73 -20.46 3.99
N LEU A 117 7.34 -20.54 2.82
CA LEU A 117 6.63 -20.35 1.56
C LEU A 117 5.78 -21.55 1.18
N VAL A 118 4.48 -21.30 1.02
CA VAL A 118 3.58 -22.29 0.43
C VAL A 118 3.05 -21.76 -0.91
N LEU A 119 3.61 -22.27 -2.00
CA LEU A 119 3.20 -21.86 -3.33
C LEU A 119 2.00 -22.66 -3.82
N THR A 120 0.99 -21.96 -4.30
CA THR A 120 -0.21 -22.59 -4.84
C THR A 120 -0.18 -22.54 -6.36
N GLU A 121 -1.16 -23.18 -6.99
CA GLU A 121 -1.25 -23.17 -8.45
C GLU A 121 -1.52 -21.75 -8.93
N GLY A 122 -0.87 -21.37 -10.03
CA GLY A 122 -0.95 -20.01 -10.53
C GLY A 122 -2.29 -19.67 -11.15
N ALA A 123 -2.81 -20.60 -11.95
CA ALA A 123 -4.10 -20.43 -12.63
C ALA A 123 -5.23 -20.13 -11.64
N LYS A 124 -4.97 -20.37 -10.37
CA LYS A 124 -5.96 -20.06 -9.33
C LYS A 124 -5.80 -18.61 -8.87
N GLY A 125 -4.56 -18.11 -8.95
CA GLY A 125 -4.26 -16.74 -8.55
C GLY A 125 -4.41 -16.56 -7.05
N MET A 126 -4.75 -15.36 -6.64
CA MET A 126 -4.95 -15.08 -5.26
C MET A 126 -5.95 -15.99 -4.59
N LYS A 127 -7.08 -16.23 -5.22
CA LYS A 127 -8.12 -16.99 -4.57
C LYS A 127 -7.61 -18.39 -4.21
N GLY A 128 -6.86 -18.99 -5.12
CA GLY A 128 -6.21 -20.23 -4.81
C GLY A 128 -5.44 -20.08 -3.53
N ALA A 129 -4.63 -19.06 -3.46
CA ALA A 129 -3.75 -18.86 -2.31
C ALA A 129 -4.50 -18.63 -1.00
N ILE A 130 -5.54 -17.80 -1.05
CA ILE A 130 -6.34 -17.52 0.16
C ILE A 130 -7.03 -18.80 0.63
N ALA A 131 -7.49 -19.61 -0.32
CA ALA A 131 -8.11 -20.89 0.00
C ALA A 131 -7.15 -21.75 0.79
N LYS A 132 -5.91 -21.84 0.31
CA LYS A 132 -4.88 -22.62 0.98
C LYS A 132 -4.56 -22.04 2.36
N ALA A 133 -4.55 -20.71 2.46
CA ALA A 133 -4.28 -20.05 3.73
C ALA A 133 -5.34 -20.44 4.77
N GLU A 134 -6.60 -20.25 4.41
CA GLU A 134 -7.72 -20.60 5.29
C GLU A 134 -7.79 -22.11 5.57
N GLU A 135 -7.39 -22.90 4.58
CA GLU A 135 -7.29 -24.35 4.73
C GLU A 135 -6.27 -24.70 5.82
N ILE A 136 -5.13 -24.04 5.76
CA ILE A 136 -4.07 -24.25 6.75
C ILE A 136 -4.47 -23.75 8.13
N VAL A 137 -5.20 -22.65 8.17
CA VAL A 137 -5.69 -22.12 9.45
C VAL A 137 -6.71 -23.09 10.05
N ALA A 138 -7.48 -23.74 9.19
CA ALA A 138 -8.50 -24.68 9.64
C ALA A 138 -7.90 -25.90 10.33
N SER A 139 -6.69 -26.27 9.92
CA SER A 139 -6.04 -27.47 10.45
C SER A 139 -5.74 -27.37 11.94
N ASP A 140 -5.56 -26.15 12.43
CA ASP A 140 -5.38 -25.91 13.87
C ASP A 140 -5.56 -24.44 14.21
N PRO A 141 -6.81 -23.94 14.17
CA PRO A 141 -7.13 -22.53 14.44
C PRO A 141 -6.51 -22.03 15.75
N SER A 142 -6.11 -22.96 16.60
CA SER A 142 -5.46 -22.60 17.86
C SER A 142 -4.00 -22.23 17.63
N ARG A 143 -3.45 -22.66 16.51
CA ARG A 143 -2.03 -22.45 16.22
C ARG A 143 -1.78 -21.31 15.24
N TYR A 144 -2.78 -21.00 14.41
CA TYR A 144 -2.58 -20.09 13.29
C TYR A 144 -3.46 -18.85 13.37
N VAL A 145 -2.86 -17.69 13.13
CA VAL A 145 -3.59 -16.44 13.10
C VAL A 145 -3.40 -15.74 11.76
N MET A 146 -4.51 -15.40 11.14
CA MET A 146 -4.50 -14.73 9.85
C MET A 146 -4.85 -13.27 10.09
N LEU A 147 -4.02 -12.36 9.58
CA LEU A 147 -4.18 -10.95 9.91
C LEU A 147 -5.12 -10.15 8.99
N LYS A 148 -5.28 -10.61 7.75
CA LYS A 148 -6.37 -10.09 6.89
C LYS A 148 -6.28 -8.59 6.58
N GLN A 149 -5.23 -8.21 5.85
CA GLN A 149 -4.96 -6.81 5.52
C GLN A 149 -6.13 -6.06 4.86
N PHE A 150 -6.94 -6.75 4.06
CA PHE A 150 -8.05 -6.06 3.41
C PHE A 150 -9.17 -5.65 4.38
N GLU A 151 -9.24 -6.25 5.56
CA GLU A 151 -10.33 -5.91 6.48
C GLU A 151 -9.88 -5.54 7.89
N ASN A 152 -8.62 -5.82 8.22
CA ASN A 152 -8.13 -5.59 9.56
C ASN A 152 -8.08 -4.09 9.87
N PRO A 153 -8.90 -3.61 10.81
CA PRO A 153 -8.91 -2.16 11.09
C PRO A 153 -7.55 -1.60 11.52
N ALA A 154 -6.65 -2.46 12.00
CA ALA A 154 -5.30 -2.01 12.37
C ALA A 154 -4.48 -1.49 11.19
N ASN A 155 -4.91 -1.86 9.99
CA ASN A 155 -4.35 -1.30 8.75
C ASN A 155 -4.60 0.22 8.65
N PRO A 156 -5.86 0.65 8.43
CA PRO A 156 -6.06 2.11 8.38
C PRO A 156 -5.69 2.84 9.68
N GLN A 157 -5.89 2.21 10.83
CA GLN A 157 -5.54 2.86 12.10
C GLN A 157 -4.08 3.35 12.17
N ILE A 158 -3.14 2.55 11.68
CA ILE A 158 -1.74 2.97 11.76
C ILE A 158 -1.54 4.20 10.88
N HIS A 159 -2.24 4.26 9.76
CA HIS A 159 -2.12 5.44 8.89
C HIS A 159 -2.73 6.69 9.52
N ARG A 160 -3.80 6.49 10.30
CA ARG A 160 -4.42 7.60 11.02
C ARG A 160 -3.49 8.12 12.13
N GLU A 161 -2.68 7.24 12.68
CA GLU A 161 -1.86 7.60 13.83
C GLU A 161 -0.46 8.08 13.43
N THR A 162 -0.01 7.69 12.24
CA THR A 162 1.34 8.04 11.83
C THR A 162 1.38 8.75 10.46
N THR A 163 0.97 8.06 9.40
CA THR A 163 1.14 8.63 8.07
C THR A 163 0.43 9.97 7.95
N GLY A 164 -0.82 10.03 8.41
CA GLY A 164 -1.62 11.25 8.35
C GLY A 164 -0.99 12.37 9.16
N PRO A 165 -0.67 12.10 10.42
CA PRO A 165 -0.05 13.13 11.26
C PRO A 165 1.29 13.62 10.71
N GLU A 166 2.08 12.74 10.08
CA GLU A 166 3.35 13.17 9.45
C GLU A 166 3.09 14.18 8.34
N ILE A 167 2.11 13.89 7.48
CA ILE A 167 1.71 14.83 6.43
C ILE A 167 1.27 16.17 7.02
N TRP A 168 0.40 16.12 8.02
CA TRP A 168 -0.06 17.35 8.66
C TRP A 168 1.15 18.17 9.17
N LYS A 169 2.00 17.51 9.96
CA LYS A 169 3.12 18.20 10.61
C LYS A 169 4.13 18.79 9.61
N ASP A 170 4.49 18.00 8.61
CA ASP A 170 5.50 18.40 7.64
C ASP A 170 5.00 19.49 6.68
N THR A 171 3.69 19.59 6.47
CA THR A 171 3.13 20.69 5.66
C THR A 171 2.65 21.87 6.51
N ASP A 172 2.81 21.74 7.83
CA ASP A 172 2.34 22.76 8.77
C ASP A 172 0.84 22.97 8.60
N GLY A 173 0.13 21.88 8.34
CA GLY A 173 -1.30 21.92 8.12
C GLY A 173 -1.74 22.58 6.82
N LYS A 174 -0.80 22.78 5.90
CA LYS A 174 -1.13 23.44 4.64
C LYS A 174 -1.58 22.49 3.51
N VAL A 175 -1.42 21.19 3.73
CA VAL A 175 -1.91 20.20 2.77
C VAL A 175 -3.37 20.46 2.39
N ASP A 176 -3.67 20.48 1.10
CA ASP A 176 -5.05 20.66 0.62
C ASP A 176 -5.61 19.41 -0.05
N VAL A 177 -4.74 18.57 -0.57
CA VAL A 177 -5.17 17.40 -1.34
C VAL A 177 -4.25 16.24 -1.03
N VAL A 178 -4.84 15.07 -0.82
CA VAL A 178 -4.06 13.86 -0.72
C VAL A 178 -4.41 12.90 -1.86
N VAL A 179 -3.40 12.46 -2.60
CA VAL A 179 -3.61 11.53 -3.70
C VAL A 179 -2.93 10.21 -3.35
N ALA A 180 -3.70 9.13 -3.35
CA ALA A 180 -3.16 7.82 -3.01
C ALA A 180 -3.82 6.68 -3.78
N GLY A 181 -2.99 5.83 -4.37
CA GLY A 181 -3.48 4.60 -4.96
C GLY A 181 -4.16 3.73 -3.91
N VAL A 182 -5.14 2.95 -4.35
CA VAL A 182 -5.89 2.10 -3.44
C VAL A 182 -5.63 0.62 -3.70
N GLY A 183 -5.08 -0.07 -2.70
CA GLY A 183 -4.91 -1.52 -2.72
C GLY A 183 -5.88 -2.09 -1.69
N THR A 184 -5.48 -2.06 -0.42
CA THR A 184 -6.39 -2.32 0.69
C THR A 184 -7.25 -1.10 1.03
N GLY A 185 -6.81 0.09 0.61
CA GLY A 185 -7.51 1.31 0.98
C GLY A 185 -7.03 1.90 2.31
N GLY A 186 -6.24 1.14 3.07
CA GLY A 186 -5.78 1.60 4.37
C GLY A 186 -5.12 2.98 4.39
N SER A 187 -4.19 3.22 3.46
CA SER A 187 -3.48 4.50 3.40
C SER A 187 -4.44 5.68 3.24
N ILE A 188 -5.23 5.69 2.18
CA ILE A 188 -6.10 6.85 1.94
C ILE A 188 -7.12 6.99 3.07
N THR A 189 -7.59 5.86 3.60
CA THR A 189 -8.59 5.87 4.65
C THR A 189 -8.06 6.50 5.95
N GLY A 190 -6.94 5.99 6.44
CA GLY A 190 -6.36 6.50 7.67
C GLY A 190 -5.90 7.95 7.56
N ILE A 191 -5.24 8.27 6.45
CA ILE A 191 -4.70 9.61 6.24
C ILE A 191 -5.85 10.61 6.23
N SER A 192 -6.91 10.26 5.51
CA SER A 192 -8.08 11.10 5.38
C SER A 192 -8.76 11.31 6.73
N ARG A 193 -8.91 10.22 7.49
CA ARG A 193 -9.54 10.31 8.80
C ARG A 193 -8.72 11.21 9.72
N ALA A 194 -7.41 11.02 9.72
CA ALA A 194 -6.52 11.85 10.50
C ALA A 194 -6.71 13.33 10.18
N ILE A 195 -6.54 13.68 8.90
CA ILE A 195 -6.55 15.10 8.51
C ILE A 195 -7.93 15.78 8.61
N LYS A 196 -8.98 15.10 8.17
CA LYS A 196 -10.33 15.65 8.20
C LYS A 196 -10.97 15.62 9.60
N LEU A 197 -10.78 14.53 10.32
CA LEU A 197 -11.49 14.32 11.57
C LEU A 197 -10.66 14.73 12.79
N ASP A 198 -9.38 14.36 12.81
CA ASP A 198 -8.53 14.69 13.96
C ASP A 198 -7.97 16.11 13.87
N PHE A 199 -7.52 16.53 12.69
CA PHE A 199 -7.01 17.89 12.53
C PHE A 199 -8.05 18.86 11.97
N GLY A 200 -9.20 18.32 11.57
CA GLY A 200 -10.33 19.16 11.19
C GLY A 200 -10.25 19.97 9.90
N LYS A 201 -9.37 19.58 8.97
CA LYS A 201 -9.26 20.30 7.71
C LYS A 201 -9.96 19.57 6.55
N GLN A 202 -10.83 20.30 5.84
CA GLN A 202 -11.61 19.73 4.75
C GLN A 202 -10.82 19.64 3.44
N ILE A 203 -9.87 18.72 3.38
CA ILE A 203 -9.07 18.50 2.18
C ILE A 203 -9.82 17.69 1.11
N THR A 204 -9.20 17.51 -0.05
CA THR A 204 -9.75 16.68 -1.10
C THR A 204 -9.02 15.34 -1.10
N SER A 205 -9.73 14.25 -0.81
CA SER A 205 -9.07 12.95 -0.80
C SER A 205 -9.28 12.25 -2.13
N VAL A 206 -8.18 11.93 -2.79
CA VAL A 206 -8.24 11.36 -4.12
C VAL A 206 -7.73 9.92 -4.13
N ALA A 207 -8.63 8.99 -4.40
CA ALA A 207 -8.24 7.60 -4.58
C ALA A 207 -7.77 7.42 -6.01
N VAL A 208 -6.75 6.60 -6.20
CA VAL A 208 -6.29 6.28 -7.55
C VAL A 208 -6.40 4.78 -7.85
N GLU A 209 -6.90 4.46 -9.04
CA GLU A 209 -7.06 3.08 -9.46
C GLU A 209 -6.74 2.92 -10.94
N PRO A 210 -6.51 1.68 -11.39
CA PRO A 210 -6.18 1.50 -12.80
C PRO A 210 -7.40 1.65 -13.67
N VAL A 211 -7.23 2.28 -14.81
CA VAL A 211 -8.33 2.45 -15.76
C VAL A 211 -8.75 1.06 -16.24
N GLU A 212 -7.82 0.11 -16.20
CA GLU A 212 -8.08 -1.29 -16.59
C GLU A 212 -9.02 -2.02 -15.64
N SER A 213 -9.18 -1.49 -14.43
CA SER A 213 -9.94 -2.19 -13.41
C SER A 213 -10.53 -1.16 -12.45
N PRO A 214 -11.40 -0.29 -12.98
CA PRO A 214 -11.84 0.90 -12.25
C PRO A 214 -13.07 0.62 -11.40
N VAL A 215 -12.96 -0.34 -10.49
CA VAL A 215 -14.13 -0.82 -9.74
C VAL A 215 -14.68 0.21 -8.77
N ILE A 216 -13.82 1.11 -8.28
CA ILE A 216 -14.32 2.14 -7.38
C ILE A 216 -15.16 3.13 -8.19
N SER A 217 -14.64 3.54 -9.35
CA SER A 217 -15.36 4.47 -10.23
C SER A 217 -16.70 3.89 -10.68
N GLN A 218 -16.68 2.64 -11.13
CA GLN A 218 -17.90 1.96 -11.57
C GLN A 218 -18.92 1.84 -10.43
N THR A 219 -18.43 1.49 -9.24
CA THR A 219 -19.31 1.36 -8.08
C THR A 219 -19.99 2.67 -7.75
N LEU A 220 -19.21 3.74 -7.59
CA LEU A 220 -19.76 5.04 -7.23
C LEU A 220 -20.71 5.62 -8.29
N ALA A 221 -20.55 5.18 -9.54
CA ALA A 221 -21.40 5.63 -10.65
C ALA A 221 -22.64 4.74 -10.79
N GLY A 222 -22.72 3.70 -9.98
CA GLY A 222 -23.81 2.74 -10.08
C GLY A 222 -23.78 1.93 -11.37
N GLU A 223 -22.59 1.75 -11.93
CA GLU A 223 -22.41 0.97 -13.16
C GLU A 223 -21.99 -0.46 -12.85
N GLU A 224 -22.02 -1.30 -13.87
CA GLU A 224 -21.59 -2.69 -13.72
C GLU A 224 -20.10 -2.75 -13.35
N VAL A 225 -19.80 -3.47 -12.28
CA VAL A 225 -18.42 -3.61 -11.81
C VAL A 225 -17.68 -4.65 -12.64
N LYS A 226 -16.67 -4.21 -13.38
CA LYS A 226 -15.94 -5.09 -14.27
C LYS A 226 -14.46 -5.00 -14.03
N PRO A 227 -13.95 -5.78 -13.07
CA PRO A 227 -12.49 -5.76 -12.85
C PRO A 227 -11.74 -6.26 -14.09
N GLY A 228 -10.45 -5.98 -14.15
CA GLY A 228 -9.62 -6.47 -15.22
C GLY A 228 -8.15 -6.52 -14.80
N PRO A 229 -7.32 -7.19 -15.61
CA PRO A 229 -5.87 -7.28 -15.39
C PRO A 229 -5.17 -5.95 -15.69
N HIS A 230 -4.09 -5.68 -14.96
CA HIS A 230 -3.31 -4.45 -15.14
C HIS A 230 -1.92 -4.72 -14.60
N LYS A 231 -1.00 -3.76 -14.81
CA LYS A 231 0.38 -3.99 -14.39
C LYS A 231 0.81 -3.09 -13.23
N ILE A 232 -0.13 -2.33 -12.66
CA ILE A 232 0.22 -1.40 -11.60
C ILE A 232 0.27 -2.11 -10.25
N GLN A 233 1.39 -2.77 -9.99
CA GLN A 233 1.50 -3.62 -8.81
C GLN A 233 1.24 -2.86 -7.51
N GLY A 234 0.34 -3.40 -6.69
CA GLY A 234 -0.01 -2.77 -5.42
C GLY A 234 -1.40 -2.17 -5.36
N ILE A 235 -2.00 -1.87 -6.51
CA ILE A 235 -3.35 -1.33 -6.52
C ILE A 235 -4.28 -2.16 -7.43
N GLY A 236 -5.53 -1.75 -7.55
CA GLY A 236 -6.47 -2.44 -8.43
C GLY A 236 -6.72 -3.87 -7.98
N ALA A 237 -7.26 -4.04 -6.78
CA ALA A 237 -7.54 -5.37 -6.27
C ALA A 237 -8.69 -6.06 -7.04
N GLY A 238 -9.46 -5.28 -7.80
CA GLY A 238 -10.60 -5.82 -8.54
C GLY A 238 -11.88 -5.97 -7.71
N PHE A 239 -11.84 -5.46 -6.49
CA PHE A 239 -13.03 -5.40 -5.63
C PHE A 239 -12.87 -4.21 -4.71
N ILE A 240 -13.94 -3.85 -4.01
CA ILE A 240 -13.87 -2.78 -3.03
C ILE A 240 -13.54 -3.40 -1.67
N PRO A 241 -12.35 -3.10 -1.15
CA PRO A 241 -11.95 -3.71 0.12
C PRO A 241 -12.63 -3.03 1.32
N LYS A 242 -12.84 -3.80 2.39
CA LYS A 242 -13.47 -3.28 3.59
C LYS A 242 -12.70 -2.10 4.18
N ASN A 243 -11.36 -2.13 4.04
CA ASN A 243 -10.51 -1.04 4.52
C ASN A 243 -10.45 0.21 3.62
N LEU A 244 -11.26 0.26 2.56
CA LEU A 244 -11.49 1.51 1.84
C LEU A 244 -12.77 2.15 2.35
N ASP A 245 -12.63 3.28 3.04
CA ASP A 245 -13.81 3.99 3.53
C ASP A 245 -14.26 4.95 2.42
N LEU A 246 -15.22 4.53 1.61
CA LEU A 246 -15.67 5.35 0.48
C LEU A 246 -16.19 6.71 0.92
N SER A 247 -16.69 6.79 2.15
CA SER A 247 -17.28 8.02 2.67
C SER A 247 -16.30 9.19 2.73
N ILE A 248 -15.00 8.93 2.88
CA ILE A 248 -14.01 10.01 2.93
C ILE A 248 -13.34 10.28 1.59
N ILE A 249 -13.68 9.50 0.57
CA ILE A 249 -13.15 9.71 -0.76
C ILE A 249 -13.93 10.81 -1.49
N ASP A 250 -13.24 11.88 -1.87
CA ASP A 250 -13.86 12.99 -2.58
C ASP A 250 -13.84 12.84 -4.09
N ARG A 251 -12.83 12.13 -4.60
CA ARG A 251 -12.62 12.02 -6.04
C ARG A 251 -11.93 10.70 -6.34
N VAL A 252 -12.18 10.14 -7.51
CA VAL A 252 -11.46 8.95 -7.95
C VAL A 252 -10.82 9.24 -9.30
N GLU A 253 -9.53 8.99 -9.41
CA GLU A 253 -8.83 9.18 -10.69
C GLU A 253 -8.36 7.84 -11.20
N THR A 254 -8.51 7.61 -12.50
CA THR A 254 -8.03 6.39 -13.11
C THR A 254 -6.77 6.68 -13.90
N VAL A 255 -5.84 5.72 -13.90
CA VAL A 255 -4.58 5.86 -14.61
C VAL A 255 -4.26 4.54 -15.31
N ASP A 256 -3.71 4.61 -16.52
CA ASP A 256 -3.41 3.38 -17.26
C ASP A 256 -2.01 2.86 -16.92
N SER A 257 -1.77 1.57 -17.15
CA SER A 257 -0.49 0.96 -16.77
C SER A 257 0.74 1.58 -17.46
N ASP A 258 0.63 1.83 -18.76
CA ASP A 258 1.75 2.40 -19.53
C ASP A 258 2.14 3.78 -19.01
N THR A 259 1.16 4.65 -18.80
CA THR A 259 1.42 5.95 -18.20
C THR A 259 1.99 5.87 -16.78
N ALA A 260 1.47 4.96 -15.95
CA ALA A 260 2.01 4.76 -14.61
C ALA A 260 3.49 4.41 -14.69
N LEU A 261 3.81 3.46 -15.58
CA LEU A 261 5.18 3.06 -15.85
C LEU A 261 6.02 4.24 -16.36
N ALA A 262 5.53 4.92 -17.40
CA ALA A 262 6.29 6.04 -17.97
C ALA A 262 6.55 7.08 -16.88
N THR A 263 5.57 7.27 -16.01
CA THR A 263 5.69 8.28 -14.95
C THR A 263 6.76 7.90 -13.92
N ALA A 264 6.80 6.61 -13.55
CA ALA A 264 7.82 6.15 -12.60
C ALA A 264 9.21 6.32 -13.20
N ARG A 265 9.35 6.06 -14.50
CA ARG A 265 10.61 6.28 -15.17
C ARG A 265 11.01 7.76 -15.15
N ARG A 266 10.04 8.65 -15.31
CA ARG A 266 10.34 10.08 -15.26
C ARG A 266 10.78 10.52 -13.87
N LEU A 267 10.12 9.98 -12.85
CA LEU A 267 10.53 10.26 -11.46
C LEU A 267 12.01 9.93 -11.24
N MET A 268 12.44 8.79 -11.75
CA MET A 268 13.84 8.42 -11.62
C MET A 268 14.73 9.36 -12.43
N ALA A 269 14.47 9.46 -13.73
CA ALA A 269 15.36 10.18 -14.65
C ALA A 269 15.35 11.70 -14.43
N GLU A 270 14.19 12.24 -14.07
CA GLU A 270 14.05 13.68 -14.00
C GLU A 270 14.09 14.24 -12.58
N GLU A 271 13.64 13.47 -11.59
CA GLU A 271 13.63 13.95 -10.22
C GLU A 271 14.65 13.25 -9.32
N GLY A 272 15.23 12.16 -9.82
CA GLY A 272 16.15 11.39 -9.01
C GLY A 272 15.42 10.74 -7.83
N ILE A 273 14.17 10.34 -8.10
CA ILE A 273 13.35 9.65 -7.12
C ILE A 273 13.12 8.22 -7.60
N LEU A 274 13.52 7.26 -6.78
CA LEU A 274 13.46 5.83 -7.11
C LEU A 274 12.16 5.20 -6.61
N ALA A 275 11.08 5.37 -7.38
CA ALA A 275 9.78 4.87 -6.93
C ALA A 275 9.22 3.72 -7.80
N GLY A 276 8.24 3.01 -7.25
CA GLY A 276 7.67 1.85 -7.91
C GLY A 276 6.61 2.25 -8.91
N ILE A 277 6.06 1.26 -9.60
CA ILE A 277 5.07 1.50 -10.63
C ILE A 277 3.87 2.27 -10.09
N SER A 278 3.35 1.85 -8.93
CA SER A 278 2.18 2.49 -8.36
C SER A 278 2.47 3.91 -7.92
N SER A 279 3.74 4.22 -7.66
CA SER A 279 4.13 5.59 -7.36
C SER A 279 3.97 6.47 -8.61
N GLY A 280 4.33 5.91 -9.76
CA GLY A 280 4.13 6.60 -11.04
C GLY A 280 2.65 6.83 -11.29
N ALA A 281 1.82 5.85 -10.93
CA ALA A 281 0.37 6.00 -11.11
C ALA A 281 -0.16 7.15 -10.25
N ALA A 282 0.28 7.20 -9.00
CA ALA A 282 -0.23 8.21 -8.09
C ALA A 282 0.19 9.61 -8.57
N VAL A 283 1.43 9.72 -9.04
CA VAL A 283 1.93 10.99 -9.55
C VAL A 283 1.24 11.42 -10.84
N ALA A 284 0.99 10.49 -11.76
CA ALA A 284 0.27 10.83 -12.99
C ALA A 284 -1.12 11.42 -12.66
N ALA A 285 -1.85 10.79 -11.75
CA ALA A 285 -3.14 11.32 -11.29
C ALA A 285 -3.00 12.71 -10.65
N ALA A 286 -2.02 12.84 -9.74
CA ALA A 286 -1.78 14.12 -9.07
C ALA A 286 -1.41 15.23 -10.08
N ASP A 287 -0.59 14.90 -11.06
CA ASP A 287 -0.16 15.88 -12.07
C ASP A 287 -1.39 16.40 -12.84
N ARG A 288 -2.31 15.50 -13.16
CA ARG A 288 -3.53 15.90 -13.85
C ARG A 288 -4.30 16.91 -13.01
N LEU A 289 -4.50 16.61 -11.73
CA LEU A 289 -5.25 17.54 -10.88
C LEU A 289 -4.47 18.85 -10.75
N ALA A 290 -3.15 18.74 -10.56
CA ALA A 290 -2.30 19.90 -10.31
C ALA A 290 -2.30 20.88 -11.48
N LYS A 291 -2.69 20.40 -12.64
CA LYS A 291 -2.72 21.25 -13.83
C LYS A 291 -4.13 21.77 -14.17
N LEU A 292 -5.09 21.53 -13.27
CA LEU A 292 -6.39 22.20 -13.34
C LEU A 292 -6.32 23.49 -12.52
N PRO A 293 -6.79 24.61 -13.10
CA PRO A 293 -6.80 25.90 -12.40
C PRO A 293 -7.47 25.85 -11.04
N GLU A 294 -8.51 25.02 -10.88
CA GLU A 294 -9.12 24.84 -9.56
C GLU A 294 -8.13 24.34 -8.48
N PHE A 295 -7.01 23.74 -8.90
CA PHE A 295 -6.02 23.22 -7.93
C PHE A 295 -4.70 23.99 -7.92
N ALA A 296 -4.67 25.12 -8.63
CA ALA A 296 -3.43 25.87 -8.86
C ALA A 296 -2.76 26.41 -7.59
N ASP A 297 -3.54 26.84 -6.61
CA ASP A 297 -2.97 27.36 -5.38
C ASP A 297 -3.18 26.38 -4.23
N LYS A 298 -3.34 25.10 -4.59
CA LYS A 298 -3.54 24.03 -3.61
C LYS A 298 -2.29 23.15 -3.49
N LEU A 299 -1.97 22.75 -2.26
CA LEU A 299 -0.81 21.91 -2.01
C LEU A 299 -1.24 20.45 -2.06
N ILE A 300 -0.70 19.71 -3.03
CA ILE A 300 -1.10 18.33 -3.25
C ILE A 300 -0.03 17.36 -2.77
N VAL A 301 -0.40 16.47 -1.86
CA VAL A 301 0.52 15.49 -1.31
C VAL A 301 0.20 14.11 -1.87
N VAL A 302 1.21 13.48 -2.45
CA VAL A 302 1.03 12.21 -3.13
C VAL A 302 1.82 11.13 -2.43
N ILE A 303 1.15 10.04 -2.11
CA ILE A 303 1.83 8.91 -1.50
C ILE A 303 2.57 8.12 -2.57
N LEU A 304 3.88 7.93 -2.39
CA LEU A 304 4.64 7.00 -3.22
C LEU A 304 4.89 5.72 -2.41
N PRO A 305 4.12 4.65 -2.71
CA PRO A 305 4.04 3.48 -1.81
C PRO A 305 5.33 2.70 -1.68
N SER A 306 6.13 2.64 -2.73
CA SER A 306 7.31 1.77 -2.68
C SER A 306 8.49 2.29 -3.51
N ALA A 307 9.62 1.59 -3.41
CA ALA A 307 10.85 1.95 -4.11
C ALA A 307 11.04 1.09 -5.36
N SER A 308 11.82 1.57 -6.33
CA SER A 308 11.89 0.91 -7.63
C SER A 308 12.75 -0.37 -7.74
N GLU A 309 13.75 -0.53 -6.88
CA GLU A 309 14.60 -1.74 -6.93
C GLU A 309 13.79 -3.01 -6.60
N ARG A 310 12.58 -2.83 -6.09
CA ARG A 310 11.71 -3.96 -5.92
C ARG A 310 11.07 -4.31 -7.23
N TYR A 311 11.45 -3.61 -8.29
CA TYR A 311 10.85 -3.81 -9.60
C TYR A 311 11.88 -3.96 -10.72
N LEU A 312 13.10 -4.34 -10.38
CA LEU A 312 14.09 -4.70 -11.38
C LEU A 312 13.67 -6.03 -12.03
N SER A 313 13.56 -6.03 -13.35
CA SER A 313 13.10 -7.21 -14.11
C SER A 313 11.57 -7.33 -14.22
N THR A 314 10.86 -6.24 -13.96
CA THR A 314 9.41 -6.19 -14.21
C THR A 314 9.16 -5.68 -15.62
N ALA A 315 8.63 -4.46 -15.70
CA ALA A 315 8.52 -3.74 -16.96
C ALA A 315 9.09 -2.35 -16.76
N LEU A 316 9.34 -1.99 -15.51
CA LEU A 316 9.89 -0.68 -15.15
C LEU A 316 11.29 -0.49 -15.72
N PHE A 317 12.08 -1.56 -15.69
CA PHE A 317 13.46 -1.50 -16.16
C PHE A 317 13.64 -2.15 -17.54
N THR B 1 0.40 -9.54 -14.98
CA THR B 1 -0.73 -8.69 -14.58
C THR B 1 -1.21 -9.06 -13.18
N PHE B 2 -2.14 -8.26 -12.66
CA PHE B 2 -2.64 -8.46 -11.30
C PHE B 2 -4.17 -8.43 -11.26
N GLU B 3 -4.75 -9.45 -10.63
CA GLU B 3 -6.21 -9.55 -10.51
C GLU B 3 -6.64 -10.09 -9.15
N TYR B 4 -7.76 -9.57 -8.65
CA TYR B 4 -8.35 -10.04 -7.40
C TYR B 4 -7.34 -10.13 -6.25
N GLY B 5 -6.83 -8.97 -5.83
CA GLY B 5 -5.95 -8.88 -4.68
C GLY B 5 -4.51 -9.25 -4.95
N ASP B 6 -4.22 -9.65 -6.19
CA ASP B 6 -2.87 -10.08 -6.55
C ASP B 6 -1.90 -8.91 -6.60
N GLY B 7 -0.75 -9.08 -5.95
CA GLY B 7 0.29 -8.06 -5.96
C GLY B 7 0.16 -7.02 -4.87
N ILE B 8 -0.59 -7.36 -3.82
CA ILE B 8 -0.79 -6.44 -2.70
C ILE B 8 -0.30 -7.04 -1.39
C1 GOL C . -4.32 9.72 -16.03
O1 GOL C . -4.93 10.90 -15.56
C2 GOL C . -3.82 9.89 -17.47
O2 GOL C . -2.93 10.99 -17.51
C3 GOL C . -3.04 8.65 -17.91
O3 GOL C . -3.82 7.49 -17.75
#